data_4ZZ2
#
_entry.id   4ZZ2
#
_cell.length_a   75.577
_cell.length_b   75.577
_cell.length_c   100.995
_cell.angle_alpha   90.000
_cell.angle_beta   90.000
_cell.angle_gamma   120.000
#
_symmetry.space_group_name_H-M   'P 32 2 1'
#
loop_
_entity.id
_entity.type
_entity.pdbx_description
1 polymer 'Trifunctional purine biosynthetic protein adenosine-3'
2 non-polymer 'GLYCINAMIDE RIBONUCLEOTIDE'
3 non-polymer '(S)-2-({5-[3-(2-Amino-4-oxo-4,7-dihydro-3H-pyrrolo[2,3-d]pyrimidin-6-yl)-propyl]-thiophene-3-carbonyl}-amino)-pentanedioic acid'
4 water water
#
_entity_poly.entity_id   1
_entity_poly.type   'polypeptide(L)'
_entity_poly.pdbx_seq_one_letter_code
;MARVAVLISGTGSNLQALIDSTREPNSSAQIDIVISNKAAVAGLDKAERAGIPTRVINHKLYKNRVEFDSAIDLVLEEFS
IDIVCLAGFMRILSGPFVQKWNGKMLNIHPSLLPSFKGSNAHEQALETGVTVTGCTVHFVAEDVDAGQIILQEAVPVKRG
DTVATLSERVKLAEHKIFPAALQLVASGTVQLGENGKICWVKEEHHHHHH
;
_entity_poly.pdbx_strand_id   A
#
# COMPACT_ATOMS: atom_id res chain seq x y z
N ALA A 2 5.59 11.49 11.44
CA ALA A 2 4.26 10.95 11.20
C ALA A 2 4.19 9.49 11.57
N ARG A 3 3.06 9.11 12.14
CA ARG A 3 2.83 7.76 12.65
C ARG A 3 2.10 6.94 11.60
N VAL A 4 2.65 5.76 11.27
CA VAL A 4 2.18 5.00 10.12
C VAL A 4 1.68 3.61 10.53
N ALA A 5 0.56 3.21 9.95
CA ALA A 5 0.09 1.82 10.01
C ALA A 5 0.30 1.21 8.65
N VAL A 6 0.79 -0.03 8.61
CA VAL A 6 0.89 -0.76 7.34
C VAL A 6 -0.09 -1.92 7.40
N LEU A 7 -0.97 -1.97 6.41
CA LEU A 7 -1.94 -3.05 6.27
C LEU A 7 -1.45 -4.05 5.23
N ILE A 8 -1.51 -5.34 5.56
CA ILE A 8 -1.01 -6.40 4.68
C ILE A 8 -2.02 -7.53 4.56
N SER A 9 -1.85 -8.37 3.54
CA SER A 9 -2.60 -9.64 3.46
C SER A 9 -1.70 -10.84 3.24
N GLY A 10 -0.40 -10.64 3.03
CA GLY A 10 0.44 -11.75 2.62
C GLY A 10 1.92 -11.69 2.96
N THR A 11 2.75 -11.86 1.93
CA THR A 11 4.18 -12.06 2.07
C THR A 11 4.89 -10.92 2.81
N GLY A 12 4.57 -9.68 2.44
CA GLY A 12 5.09 -8.54 3.14
C GLY A 12 6.43 -7.99 2.66
N SER A 13 6.78 -8.23 1.40
CA SER A 13 8.02 -7.64 0.87
C SER A 13 7.91 -6.11 0.83
N ASN A 14 6.75 -5.57 0.47
CA ASN A 14 6.60 -4.12 0.53
C ASN A 14 6.70 -3.61 1.96
N LEU A 15 6.09 -4.32 2.91
CA LEU A 15 6.25 -3.98 4.32
C LEU A 15 7.72 -3.93 4.71
N GLN A 16 8.50 -4.92 4.30
CA GLN A 16 9.91 -4.94 4.68
C GLN A 16 10.67 -3.73 4.13
N ALA A 17 10.40 -3.37 2.87
CA ALA A 17 11.06 -2.19 2.30
C ALA A 17 10.67 -0.92 3.06
N LEU A 18 9.43 -0.84 3.53
CA LEU A 18 8.98 0.31 4.33
C LEU A 18 9.63 0.29 5.72
N ILE A 19 9.77 -0.89 6.32
CA ILE A 19 10.47 -0.98 7.60
C ILE A 19 11.90 -0.46 7.43
N ASP A 20 12.58 -0.92 6.39
CA ASP A 20 13.97 -0.52 6.18
C ASP A 20 14.08 0.97 5.99
N SER A 21 13.21 1.54 5.16
N SER A 21 13.20 1.53 5.16
CA SER A 21 13.30 2.96 4.84
CA SER A 21 13.27 2.95 4.84
C SER A 21 12.93 3.84 6.04
C SER A 21 12.93 3.83 6.03
N THR A 22 11.92 3.43 6.80
CA THR A 22 11.44 4.29 7.88
C THR A 22 12.35 4.25 9.08
N ARG A 23 13.32 3.34 9.08
CA ARG A 23 14.30 3.29 10.16
C ARG A 23 15.57 4.09 9.86
N GLU A 24 15.70 4.62 8.65
N GLU A 24 15.67 4.63 8.65
CA GLU A 24 16.83 5.47 8.31
CA GLU A 24 16.78 5.52 8.30
C GLU A 24 16.71 6.78 9.09
C GLU A 24 16.69 6.79 9.13
N PRO A 25 17.84 7.35 9.53
CA PRO A 25 17.79 8.53 10.41
C PRO A 25 16.92 9.67 9.90
N ASN A 26 16.91 9.95 8.61
CA ASN A 26 16.14 11.10 8.13
C ASN A 26 14.69 10.79 7.81
N SER A 27 14.24 9.58 8.14
CA SER A 27 12.84 9.24 7.88
C SER A 27 11.87 10.12 8.64
N SER A 28 10.88 10.64 7.93
CA SER A 28 9.80 11.40 8.56
C SER A 28 8.64 10.54 9.02
N ALA A 29 8.76 9.23 8.82
CA ALA A 29 7.70 8.27 9.15
C ALA A 29 8.22 7.19 10.09
N GLN A 30 7.36 6.79 11.01
CA GLN A 30 7.62 5.64 11.88
C GLN A 30 6.47 4.67 11.74
N ILE A 31 6.78 3.37 11.63
CA ILE A 31 5.71 2.37 11.57
C ILE A 31 5.40 1.89 12.98
N ASP A 32 4.17 2.14 13.41
CA ASP A 32 3.76 1.86 14.77
C ASP A 32 2.86 0.64 14.93
N ILE A 33 2.29 0.17 13.83
CA ILE A 33 1.40 -0.99 13.89
C ILE A 33 1.32 -1.61 12.50
N VAL A 34 1.28 -2.94 12.46
CA VAL A 34 1.05 -3.70 11.25
C VAL A 34 -0.23 -4.49 11.45
N ILE A 35 -1.16 -4.35 10.51
CA ILE A 35 -2.45 -5.02 10.58
C ILE A 35 -2.59 -5.95 9.40
N SER A 36 -2.88 -7.22 9.66
CA SER A 36 -3.18 -8.17 8.60
C SER A 36 -4.63 -8.59 8.72
N ASN A 37 -5.30 -8.80 7.58
CA ASN A 37 -6.62 -9.41 7.62
C ASN A 37 -6.56 -10.93 7.55
N LYS A 38 -5.35 -11.47 7.49
CA LYS A 38 -5.15 -12.90 7.39
C LYS A 38 -4.12 -13.38 8.40
N ALA A 39 -4.45 -14.45 9.11
CA ALA A 39 -3.54 -15.01 10.10
C ALA A 39 -2.40 -15.76 9.42
N ALA A 40 -1.27 -15.84 10.11
CA ALA A 40 -0.17 -16.71 9.72
C ALA A 40 0.41 -16.42 8.34
N VAL A 41 0.46 -15.14 7.97
CA VAL A 41 1.15 -14.77 6.75
C VAL A 41 2.55 -14.29 7.08
N ALA A 42 3.45 -14.38 6.10
CA ALA A 42 4.86 -14.08 6.34
C ALA A 42 5.11 -12.63 6.74
N GLY A 43 4.25 -11.71 6.30
CA GLY A 43 4.39 -10.32 6.67
C GLY A 43 4.33 -10.09 8.17
N LEU A 44 3.54 -10.90 8.88
CA LEU A 44 3.45 -10.80 10.33
C LEU A 44 4.78 -11.18 10.98
N ASP A 45 5.43 -12.20 10.44
CA ASP A 45 6.76 -12.60 10.92
C ASP A 45 7.77 -11.47 10.73
N LYS A 46 7.70 -10.80 9.58
CA LYS A 46 8.63 -9.73 9.30
C LYS A 46 8.44 -8.57 10.29
N ALA A 47 7.18 -8.25 10.59
CA ALA A 47 6.89 -7.21 11.58
C ALA A 47 7.40 -7.58 12.96
N GLU A 48 7.13 -8.82 13.38
CA GLU A 48 7.56 -9.29 14.70
C GLU A 48 9.07 -9.25 14.81
N ARG A 49 9.76 -9.67 13.76
CA ARG A 49 11.23 -9.68 13.77
C ARG A 49 11.77 -8.26 13.91
N ALA A 50 11.04 -7.29 13.39
CA ALA A 50 11.43 -5.89 13.46
C ALA A 50 10.96 -5.22 14.76
N GLY A 51 10.25 -5.96 15.60
CA GLY A 51 9.80 -5.43 16.87
C GLY A 51 8.63 -4.48 16.77
N ILE A 52 7.86 -4.62 15.70
CA ILE A 52 6.67 -3.79 15.48
C ILE A 52 5.42 -4.58 15.87
N PRO A 53 4.53 -3.97 16.68
CA PRO A 53 3.28 -4.63 17.07
C PRO A 53 2.44 -5.04 15.88
N THR A 54 1.71 -6.15 16.01
CA THR A 54 0.82 -6.63 14.96
C THR A 54 -0.59 -6.90 15.50
N ARG A 55 -1.58 -6.76 14.63
N ARG A 55 -1.57 -6.73 14.63
CA ARG A 55 -2.95 -7.17 14.95
CA ARG A 55 -2.92 -7.21 14.91
C ARG A 55 -3.59 -7.85 13.75
C ARG A 55 -3.44 -7.95 13.70
N VAL A 56 -4.19 -9.02 13.97
CA VAL A 56 -4.92 -9.70 12.91
C VAL A 56 -6.40 -9.39 13.05
N ILE A 57 -6.96 -8.76 12.02
CA ILE A 57 -8.38 -8.48 11.96
C ILE A 57 -8.99 -9.26 10.81
N ASN A 58 -9.59 -10.40 11.12
CA ASN A 58 -10.13 -11.32 10.11
C ASN A 58 -11.44 -10.82 9.52
N HIS A 59 -11.42 -10.44 8.24
CA HIS A 59 -12.60 -9.87 7.60
C HIS A 59 -13.77 -10.85 7.56
N LYS A 60 -13.47 -12.13 7.62
CA LYS A 60 -14.50 -13.18 7.54
C LYS A 60 -15.40 -13.19 8.77
N LEU A 61 -14.97 -12.55 9.84
CA LEU A 61 -15.72 -12.58 11.09
C LEU A 61 -16.73 -11.44 11.19
N TYR A 62 -16.76 -10.60 10.16
CA TYR A 62 -17.60 -9.41 10.18
C TYR A 62 -18.74 -9.53 9.17
N LYS A 63 -19.87 -8.91 9.49
CA LYS A 63 -21.08 -9.04 8.69
C LYS A 63 -20.97 -8.36 7.34
N ASN A 64 -20.19 -7.28 7.29
CA ASN A 64 -20.03 -6.52 6.07
C ASN A 64 -18.72 -5.72 6.10
N ARG A 65 -18.43 -5.01 5.02
CA ARG A 65 -17.19 -4.24 4.94
C ARG A 65 -17.11 -3.14 5.99
N VAL A 66 -18.22 -2.44 6.21
CA VAL A 66 -18.23 -1.31 7.13
C VAL A 66 -17.84 -1.74 8.54
N GLU A 67 -18.32 -2.89 9.00
CA GLU A 67 -17.98 -3.37 10.33
C GLU A 67 -16.51 -3.77 10.44
N PHE A 68 -16.00 -4.40 9.37
CA PHE A 68 -14.59 -4.78 9.30
C PHE A 68 -13.72 -3.54 9.32
N ASP A 69 -14.06 -2.56 8.48
CA ASP A 69 -13.29 -1.32 8.42
C ASP A 69 -13.32 -0.58 9.76
N SER A 70 -14.45 -0.66 10.46
N SER A 70 -14.44 -0.66 10.47
CA SER A 70 -14.58 -0.03 11.77
CA SER A 70 -14.56 -0.01 11.77
C SER A 70 -13.61 -0.65 12.77
C SER A 70 -13.62 -0.64 12.79
N ALA A 71 -13.42 -1.96 12.67
CA ALA A 71 -12.47 -2.66 13.54
C ALA A 71 -11.04 -2.22 13.23
N ILE A 72 -10.73 -2.04 11.96
CA ILE A 72 -9.43 -1.50 11.57
C ILE A 72 -9.27 -0.11 12.16
N ASP A 73 -10.29 0.73 11.97
CA ASP A 73 -10.22 2.12 12.39
C ASP A 73 -9.99 2.24 13.89
N LEU A 74 -10.55 1.33 14.67
CA LEU A 74 -10.38 1.34 16.11
C LEU A 74 -8.89 1.16 16.46
N VAL A 75 -8.21 0.26 15.76
CA VAL A 75 -6.80 0.04 16.01
C VAL A 75 -5.97 1.25 15.55
N LEU A 76 -6.36 1.85 14.44
CA LEU A 76 -5.66 3.04 13.96
C LEU A 76 -5.73 4.17 14.99
N GLU A 77 -6.90 4.33 15.60
CA GLU A 77 -7.05 5.34 16.65
C GLU A 77 -6.25 4.98 17.90
N GLU A 78 -6.24 3.69 18.24
CA GLU A 78 -5.49 3.21 19.39
C GLU A 78 -4.02 3.60 19.30
N PHE A 79 -3.47 3.53 18.10
CA PHE A 79 -2.06 3.84 17.88
C PHE A 79 -1.84 5.25 17.35
N SER A 80 -2.85 6.11 17.44
N SER A 80 -2.87 6.10 17.43
CA SER A 80 -2.76 7.51 17.02
CA SER A 80 -2.78 7.50 17.02
C SER A 80 -2.11 7.65 15.64
C SER A 80 -2.13 7.67 15.65
N ILE A 81 -2.62 6.88 14.69
CA ILE A 81 -2.02 6.84 13.37
C ILE A 81 -2.35 8.07 12.51
N ASP A 82 -1.35 8.55 11.78
CA ASP A 82 -1.50 9.67 10.85
C ASP A 82 -1.67 9.25 9.40
N ILE A 83 -0.98 8.17 9.02
CA ILE A 83 -0.90 7.74 7.62
C ILE A 83 -1.06 6.23 7.56
N VAL A 84 -1.86 5.76 6.60
CA VAL A 84 -2.08 4.33 6.39
C VAL A 84 -1.46 3.93 5.06
N CYS A 85 -0.66 2.86 5.06
CA CYS A 85 -0.13 2.28 3.83
C CYS A 85 -0.73 0.91 3.57
N LEU A 86 -1.32 0.73 2.39
CA LEU A 86 -1.83 -0.59 1.98
C LEU A 86 -0.74 -1.27 1.17
N ALA A 87 -0.20 -2.35 1.73
CA ALA A 87 1.00 -2.99 1.17
C ALA A 87 0.70 -4.48 0.95
N GLY A 88 0.13 -4.79 -0.20
CA GLY A 88 -0.35 -6.13 -0.47
C GLY A 88 -1.64 -6.45 0.25
N PHE A 89 -2.31 -5.43 0.81
CA PHE A 89 -3.63 -5.59 1.41
C PHE A 89 -4.67 -5.78 0.31
N MET A 90 -5.48 -6.83 0.38
CA MET A 90 -6.30 -7.16 -0.78
C MET A 90 -7.80 -6.92 -0.61
N ARG A 91 -8.19 -6.18 0.43
CA ARG A 91 -9.61 -5.86 0.61
C ARG A 91 -9.96 -4.48 0.06
N ILE A 92 -11.10 -4.41 -0.62
CA ILE A 92 -11.73 -3.16 -0.99
C ILE A 92 -12.29 -2.51 0.26
N LEU A 93 -11.95 -1.23 0.46
CA LEU A 93 -12.36 -0.51 1.66
C LEU A 93 -13.66 0.26 1.42
N SER A 94 -14.47 0.40 2.47
CA SER A 94 -15.75 1.09 2.35
C SER A 94 -15.59 2.59 2.17
N GLY A 95 -16.63 3.21 1.62
CA GLY A 95 -16.63 4.64 1.35
C GLY A 95 -16.32 5.53 2.56
N PRO A 96 -17.05 5.34 3.67
CA PRO A 96 -16.80 6.23 4.80
C PRO A 96 -15.38 6.09 5.36
N PHE A 97 -14.81 4.89 5.35
CA PHE A 97 -13.45 4.71 5.86
C PHE A 97 -12.45 5.46 4.97
N VAL A 98 -12.61 5.30 3.66
CA VAL A 98 -11.78 5.99 2.70
C VAL A 98 -11.90 7.51 2.86
N GLN A 99 -13.12 8.01 3.03
CA GLN A 99 -13.32 9.44 3.20
C GLN A 99 -12.63 9.95 4.46
N LYS A 100 -12.77 9.21 5.56
CA LYS A 100 -12.13 9.62 6.82
C LYS A 100 -10.62 9.75 6.65
N TRP A 101 -10.04 8.82 5.91
CA TRP A 101 -8.59 8.80 5.73
C TRP A 101 -8.12 9.49 4.45
N ASN A 102 -9.00 10.27 3.84
CA ASN A 102 -8.68 10.94 2.58
C ASN A 102 -7.43 11.82 2.70
N GLY A 103 -6.49 11.61 1.79
CA GLY A 103 -5.23 12.34 1.79
C GLY A 103 -4.21 11.77 2.75
N LYS A 104 -4.56 10.68 3.43
N LYS A 104 -4.58 10.69 3.44
CA LYS A 104 -3.67 10.08 4.44
CA LYS A 104 -3.74 10.07 4.46
C LYS A 104 -3.39 8.60 4.17
C LYS A 104 -3.62 8.56 4.29
N MET A 105 -4.02 8.04 3.14
CA MET A 105 -3.91 6.61 2.90
C MET A 105 -3.36 6.33 1.50
N LEU A 106 -2.31 5.51 1.45
CA LEU A 106 -1.56 5.23 0.24
C LEU A 106 -1.68 3.76 -0.11
N ASN A 107 -1.69 3.45 -1.41
CA ASN A 107 -1.72 2.07 -1.89
C ASN A 107 -0.65 1.85 -2.94
N ILE A 108 -0.07 0.65 -2.97
CA ILE A 108 0.84 0.26 -4.04
C ILE A 108 0.12 -0.72 -4.96
N HIS A 109 0.21 -0.47 -6.26
CA HIS A 109 -0.49 -1.26 -7.26
C HIS A 109 0.50 -1.65 -8.35
N PRO A 110 0.52 -2.94 -8.73
CA PRO A 110 1.56 -3.43 -9.66
C PRO A 110 1.21 -3.26 -11.13
N SER A 111 0.80 -2.06 -11.51
CA SER A 111 0.70 -1.69 -12.93
C SER A 111 0.95 -0.19 -13.02
N LEU A 112 1.10 0.31 -14.24
CA LEU A 112 1.09 1.74 -14.47
C LEU A 112 -0.36 2.18 -14.64
N LEU A 113 -1.00 2.56 -13.53
CA LEU A 113 -2.36 3.06 -13.60
C LEU A 113 -2.39 4.24 -14.56
N PRO A 114 -3.48 4.40 -15.33
CA PRO A 114 -4.78 3.73 -15.18
C PRO A 114 -4.93 2.37 -15.87
N SER A 115 -3.86 1.83 -16.47
CA SER A 115 -3.95 0.48 -17.05
C SER A 115 -4.05 -0.56 -15.96
N PHE A 116 -4.81 -1.62 -16.24
CA PHE A 116 -4.81 -2.86 -15.46
C PHE A 116 -5.16 -2.66 -13.98
N LYS A 117 -6.29 -2.01 -13.76
CA LYS A 117 -6.86 -1.91 -12.42
C LYS A 117 -7.32 -3.28 -11.94
N GLY A 118 -7.33 -3.48 -10.63
CA GLY A 118 -7.88 -4.69 -10.07
C GLY A 118 -6.86 -5.64 -9.46
N SER A 119 -7.28 -6.87 -9.16
CA SER A 119 -6.46 -7.76 -8.34
C SER A 119 -5.49 -8.65 -9.11
N ASN A 120 -5.57 -8.66 -10.43
CA ASN A 120 -4.73 -9.53 -11.26
C ASN A 120 -4.01 -8.72 -12.33
N ALA A 121 -3.36 -7.64 -11.93
CA ALA A 121 -2.75 -6.73 -12.88
C ALA A 121 -1.74 -7.42 -13.80
N HIS A 122 -0.91 -8.31 -13.24
CA HIS A 122 0.10 -8.96 -14.08
C HIS A 122 -0.54 -9.88 -15.12
N GLU A 123 -1.59 -10.61 -14.73
CA GLU A 123 -2.30 -11.44 -15.69
C GLU A 123 -2.83 -10.57 -16.84
N GLN A 124 -3.38 -9.42 -16.49
CA GLN A 124 -3.91 -8.52 -17.51
C GLN A 124 -2.83 -7.97 -18.42
N ALA A 125 -1.70 -7.56 -17.83
CA ALA A 125 -0.60 -7.01 -18.62
C ALA A 125 -0.08 -8.05 -19.60
N LEU A 126 0.07 -9.28 -19.13
CA LEU A 126 0.56 -10.36 -20.00
C LEU A 126 -0.46 -10.70 -21.09
N GLU A 127 -1.74 -10.75 -20.74
CA GLU A 127 -2.76 -11.05 -21.75
C GLU A 127 -2.82 -9.96 -22.82
N THR A 128 -2.69 -8.71 -22.40
CA THR A 128 -2.77 -7.58 -23.33
C THR A 128 -1.54 -7.50 -24.24
N GLY A 129 -0.39 -7.93 -23.71
CA GLY A 129 0.83 -7.96 -24.50
C GLY A 129 1.66 -6.69 -24.46
N VAL A 130 1.51 -5.90 -23.41
CA VAL A 130 2.39 -4.74 -23.26
C VAL A 130 3.85 -5.19 -23.16
N THR A 131 4.77 -4.31 -23.56
CA THR A 131 6.17 -4.58 -23.34
C THR A 131 6.74 -3.73 -22.20
N VAL A 132 5.92 -2.78 -21.72
CA VAL A 132 6.28 -1.96 -20.58
C VAL A 132 5.12 -2.00 -19.60
N THR A 133 5.40 -2.41 -18.37
CA THR A 133 4.42 -2.31 -17.29
C THR A 133 5.09 -1.47 -16.18
N GLY A 134 4.70 -1.68 -14.92
CA GLY A 134 5.31 -0.92 -13.85
C GLY A 134 4.47 -1.00 -12.60
N CYS A 135 4.67 -0.03 -11.72
CA CYS A 135 3.90 0.04 -10.49
C CYS A 135 3.58 1.49 -10.16
N THR A 136 2.58 1.65 -9.29
CA THR A 136 2.00 2.95 -8.96
C THR A 136 1.75 3.04 -7.46
N VAL A 137 2.17 4.14 -6.85
CA VAL A 137 1.67 4.48 -5.52
C VAL A 137 0.68 5.62 -5.67
N HIS A 138 -0.52 5.45 -5.10
CA HIS A 138 -1.55 6.47 -5.22
C HIS A 138 -2.26 6.67 -3.90
N PHE A 139 -2.83 7.85 -3.73
CA PHE A 139 -3.77 8.08 -2.65
C PHE A 139 -5.00 7.22 -2.90
N VAL A 140 -5.56 6.67 -1.82
CA VAL A 140 -6.74 5.83 -1.94
C VAL A 140 -8.02 6.65 -1.97
N ALA A 141 -8.78 6.49 -3.04
CA ALA A 141 -10.09 7.11 -3.19
C ALA A 141 -11.15 6.02 -3.18
N GLU A 142 -12.43 6.38 -3.15
CA GLU A 142 -13.47 5.35 -3.04
C GLU A 142 -13.42 4.41 -4.25
N ASP A 143 -13.32 4.98 -5.44
N ASP A 143 -13.36 4.97 -5.45
CA ASP A 143 -13.17 4.22 -6.67
CA ASP A 143 -13.22 4.15 -6.64
C ASP A 143 -11.82 3.49 -6.67
C ASP A 143 -11.85 3.49 -6.64
N VAL A 144 -11.85 2.17 -6.75
CA VAL A 144 -10.63 1.37 -6.61
C VAL A 144 -9.59 1.68 -7.68
N ASP A 145 -8.37 1.94 -7.24
CA ASP A 145 -7.22 2.17 -8.10
C ASP A 145 -7.39 3.42 -8.97
N ALA A 146 -8.21 4.36 -8.50
CA ALA A 146 -8.49 5.57 -9.27
C ALA A 146 -8.05 6.86 -8.56
N GLY A 147 -7.51 6.74 -7.35
CA GLY A 147 -7.09 7.91 -6.60
C GLY A 147 -5.84 8.56 -7.18
N GLN A 148 -5.46 9.69 -6.60
CA GLN A 148 -4.40 10.54 -7.16
C GLN A 148 -3.03 9.87 -7.10
N ILE A 149 -2.36 9.84 -8.25
CA ILE A 149 -1.07 9.20 -8.39
C ILE A 149 0.05 10.03 -7.77
N ILE A 150 0.88 9.37 -6.97
CA ILE A 150 2.01 10.04 -6.32
C ILE A 150 3.31 9.74 -7.06
N LEU A 151 3.65 8.46 -7.22
CA LEU A 151 4.85 8.05 -7.96
C LEU A 151 4.53 6.82 -8.78
N GLN A 152 5.29 6.64 -9.86
CA GLN A 152 5.21 5.45 -10.71
C GLN A 152 6.61 5.10 -11.16
N GLU A 153 6.81 3.83 -11.52
CA GLU A 153 8.08 3.39 -12.11
C GLU A 153 7.79 2.33 -13.16
N ALA A 154 8.31 2.55 -14.37
CA ALA A 154 8.16 1.59 -15.45
C ALA A 154 9.12 0.41 -15.30
N VAL A 155 8.63 -0.75 -15.72
CA VAL A 155 9.37 -2.02 -15.64
C VAL A 155 9.14 -2.75 -16.95
N PRO A 156 10.20 -3.24 -17.60
CA PRO A 156 9.98 -3.97 -18.86
C PRO A 156 9.34 -5.32 -18.65
N VAL A 157 8.54 -5.72 -19.64
CA VAL A 157 8.05 -7.10 -19.76
C VAL A 157 9.00 -7.81 -20.70
N LYS A 158 9.53 -8.94 -20.27
CA LYS A 158 10.39 -9.74 -21.12
C LYS A 158 9.59 -10.83 -21.80
N ARG A 159 9.96 -11.17 -23.03
N ARG A 159 9.95 -11.15 -23.04
CA ARG A 159 9.26 -12.23 -23.73
CA ARG A 159 9.28 -12.24 -23.74
C ARG A 159 9.42 -13.56 -23.01
C ARG A 159 9.40 -13.51 -22.90
N GLY A 160 8.30 -14.24 -22.79
CA GLY A 160 8.28 -15.46 -22.01
C GLY A 160 7.96 -15.23 -20.54
N ASP A 161 7.78 -13.97 -20.13
CA ASP A 161 7.44 -13.69 -18.74
C ASP A 161 6.17 -14.41 -18.32
N THR A 162 6.12 -14.73 -17.02
CA THR A 162 4.94 -15.27 -16.36
C THR A 162 4.61 -14.33 -15.22
N VAL A 163 3.47 -14.55 -14.56
CA VAL A 163 3.18 -13.78 -13.37
C VAL A 163 4.34 -13.90 -12.37
N ALA A 164 4.92 -15.10 -12.25
CA ALA A 164 6.03 -15.29 -11.31
C ALA A 164 7.22 -14.40 -11.63
N THR A 165 7.67 -14.38 -12.89
CA THR A 165 8.86 -13.60 -13.21
C THR A 165 8.57 -12.12 -13.33
N LEU A 166 7.41 -11.75 -13.87
CA LEU A 166 7.06 -10.35 -14.00
C LEU A 166 6.80 -9.73 -12.62
N SER A 167 6.07 -10.42 -11.75
N SER A 167 6.09 -10.42 -11.75
CA SER A 167 5.81 -9.86 -10.43
CA SER A 167 5.81 -9.89 -10.42
C SER A 167 7.12 -9.66 -9.65
C SER A 167 7.09 -9.69 -9.61
N GLU A 168 8.05 -10.59 -9.80
CA GLU A 168 9.35 -10.47 -9.15
C GLU A 168 10.09 -9.21 -9.59
N ARG A 169 10.08 -8.93 -10.89
CA ARG A 169 10.76 -7.77 -11.42
C ARG A 169 10.07 -6.48 -10.99
N VAL A 170 8.75 -6.48 -11.03
CA VAL A 170 8.00 -5.27 -10.66
C VAL A 170 8.14 -5.00 -9.16
N LYS A 171 8.23 -6.02 -8.31
CA LYS A 171 8.41 -5.80 -6.88
C LYS A 171 9.70 -5.05 -6.56
N LEU A 172 10.75 -5.20 -7.37
CA LEU A 172 11.97 -4.45 -7.13
C LEU A 172 11.70 -2.95 -7.25
N ALA A 173 10.82 -2.58 -8.17
CA ALA A 173 10.46 -1.18 -8.33
C ALA A 173 9.49 -0.74 -7.23
N GLU A 174 8.56 -1.61 -6.85
CA GLU A 174 7.62 -1.29 -5.78
C GLU A 174 8.37 -0.90 -4.52
N HIS A 175 9.43 -1.64 -4.25
CA HIS A 175 10.23 -1.42 -3.04
C HIS A 175 11.04 -0.13 -3.07
N LYS A 176 11.11 0.47 -4.25
N LYS A 176 11.12 0.51 -4.24
CA LYS A 176 11.74 1.78 -4.42
CA LYS A 176 11.74 1.83 -4.32
C LYS A 176 10.70 2.88 -4.22
C LYS A 176 10.68 2.91 -4.20
N ILE A 177 9.60 2.83 -4.97
CA ILE A 177 8.67 3.96 -4.98
C ILE A 177 7.76 4.00 -3.76
N PHE A 178 7.46 2.89 -3.10
CA PHE A 178 6.58 3.01 -1.94
C PHE A 178 7.30 3.71 -0.78
N PRO A 179 8.53 3.31 -0.43
CA PRO A 179 9.24 4.10 0.57
C PRO A 179 9.40 5.58 0.17
N ALA A 180 9.67 5.85 -1.09
CA ALA A 180 9.85 7.24 -1.52
C ALA A 180 8.54 8.03 -1.39
N ALA A 181 7.43 7.41 -1.78
CA ALA A 181 6.14 8.09 -1.68
C ALA A 181 5.75 8.33 -0.23
N LEU A 182 5.97 7.35 0.63
CA LEU A 182 5.65 7.53 2.04
C LEU A 182 6.45 8.70 2.64
N GLN A 183 7.73 8.80 2.27
CA GLN A 183 8.55 9.91 2.78
C GLN A 183 8.02 11.26 2.25
N LEU A 184 7.61 11.31 1.00
CA LEU A 184 7.05 12.55 0.44
C LEU A 184 5.80 12.99 1.20
N VAL A 185 4.91 12.05 1.51
CA VAL A 185 3.69 12.40 2.22
C VAL A 185 3.96 12.70 3.70
N ALA A 186 4.78 11.87 4.35
CA ALA A 186 5.06 12.06 5.77
C ALA A 186 5.80 13.37 6.07
N SER A 187 6.63 13.81 5.13
CA SER A 187 7.38 15.05 5.30
C SER A 187 6.55 16.28 4.94
N GLY A 188 5.37 16.04 4.39
CA GLY A 188 4.52 17.15 3.97
C GLY A 188 4.89 17.73 2.62
N THR A 189 5.79 17.07 1.91
CA THR A 189 6.23 17.54 0.60
C THR A 189 5.12 17.38 -0.45
N VAL A 190 4.37 16.29 -0.33
CA VAL A 190 3.26 16.01 -1.21
C VAL A 190 2.00 15.88 -0.38
N GLN A 191 0.93 16.52 -0.82
CA GLN A 191 -0.35 16.33 -0.16
C GLN A 191 -1.44 16.25 -1.21
N LEU A 192 -2.60 15.77 -0.80
CA LEU A 192 -3.77 15.79 -1.64
C LEU A 192 -4.40 17.17 -1.52
N GLY A 193 -4.48 17.89 -2.63
CA GLY A 193 -4.97 19.25 -2.62
C GLY A 193 -6.47 19.35 -2.34
N GLU A 194 -6.90 20.53 -1.92
CA GLU A 194 -8.33 20.78 -1.68
C GLU A 194 -9.14 20.57 -2.95
N ASN A 195 -8.51 20.84 -4.09
CA ASN A 195 -9.15 20.62 -5.38
C ASN A 195 -9.12 19.15 -5.79
N GLY A 196 -8.64 18.30 -4.89
CA GLY A 196 -8.60 16.87 -5.12
C GLY A 196 -7.42 16.42 -5.96
N LYS A 197 -6.59 17.36 -6.38
CA LYS A 197 -5.41 17.04 -7.18
C LYS A 197 -4.16 16.99 -6.32
N ILE A 198 -3.15 16.25 -6.76
CA ILE A 198 -1.88 16.17 -6.04
C ILE A 198 -1.23 17.56 -5.96
N CYS A 199 -0.68 17.89 -4.80
CA CYS A 199 0.00 19.14 -4.59
C CYS A 199 1.43 18.91 -4.10
N TRP A 200 2.41 19.36 -4.88
CA TRP A 200 3.78 19.39 -4.42
C TRP A 200 4.06 20.76 -3.84
N VAL A 201 4.31 20.82 -2.54
CA VAL A 201 4.51 22.13 -1.91
C VAL A 201 5.95 22.60 -2.09
#